data_3B2W
#
_entry.id   3B2W
#
_cell.length_a   45.18
_cell.length_b   75.19
_cell.length_c   47.11
_cell.angle_alpha   90.0
_cell.angle_beta   112.35
_cell.angle_gamma   90.0
#
_symmetry.space_group_name_H-M   'P 1 21 1'
#
loop_
_entity.id
_entity.type
_entity.pdbx_description
1 polymer 'Proto-oncogene tyrosine-protein kinase LCK'
2 non-polymer N-[5-({[2-fluoro-3-(trifluoromethyl)phenyl]amino}carbonyl)-2-methylphenyl]-4-methoxy-2-[(4-piperazin-1-ylphenyl)amino]pyrimidine-5-carboxamide
3 water water
#
_entity_poly.entity_id   1
_entity_poly.type   'polypeptide(L)'
_entity_poly.pdbx_seq_one_letter_code
;TQKPQKPWWEDEWEVPRETLKLVERLGAGQFGEVWMGYYNGHTKVAVKSLKQGSMSPDAFLAEANLMKQLQHQRLVRLYA
VVTQEPIYIITEYMENGSLVDFLKTPSGIKLTINKLLDMAAQIAEGMAFIEERNYIHRDLRAANILVSDTLSCKIADFGL
ARLIEDNEYTAREGAKFPIKWTAPEAINYGTFTIKSDVWSFGILLTEIVTHGRIPYPGMTNPEVIQNLERGYRMVRPDNC
PEELYQLMRLCWKERPEDRPTFDYLRSVLEDFFTATE
;
_entity_poly.pdbx_strand_id   A
#
# COMPACT_ATOMS: atom_id res chain seq x y z
N TRP A 13 11.16 -18.37 -14.48
CA TRP A 13 10.94 -17.74 -13.13
C TRP A 13 11.49 -18.57 -11.98
N GLU A 14 11.56 -19.88 -12.20
CA GLU A 14 12.06 -20.81 -11.20
C GLU A 14 13.56 -20.66 -10.98
N VAL A 15 13.99 -20.87 -9.74
CA VAL A 15 15.40 -20.78 -9.41
C VAL A 15 15.71 -21.82 -8.34
N PRO A 16 16.85 -22.50 -8.45
CA PRO A 16 17.13 -23.49 -7.41
C PRO A 16 17.21 -22.76 -6.06
N ARG A 17 16.68 -23.37 -5.00
CA ARG A 17 16.68 -22.75 -3.68
C ARG A 17 18.09 -22.43 -3.15
N GLU A 18 19.10 -23.10 -3.71
CA GLU A 18 20.50 -22.91 -3.33
C GLU A 18 21.08 -21.55 -3.70
N THR A 19 20.49 -20.90 -4.71
CA THR A 19 20.96 -19.60 -5.16
C THR A 19 20.52 -18.47 -4.23
N LEU A 20 19.80 -18.83 -3.17
CA LEU A 20 19.31 -17.83 -2.22
C LEU A 20 19.93 -18.00 -0.86
N LYS A 21 20.39 -16.91 -0.27
CA LYS A 21 20.96 -16.94 1.05
C LYS A 21 20.22 -15.95 1.93
N LEU A 22 19.36 -16.44 2.80
CA LEU A 22 18.60 -15.55 3.69
C LEU A 22 19.63 -14.89 4.62
N VAL A 23 19.31 -13.68 5.07
CA VAL A 23 20.24 -12.94 5.92
C VAL A 23 19.60 -12.26 7.13
N GLU A 24 18.47 -11.61 6.89
CA GLU A 24 17.80 -10.85 7.92
C GLU A 24 16.28 -10.85 7.79
N ARG A 25 15.59 -11.28 8.83
CA ARG A 25 14.14 -11.30 8.77
C ARG A 25 13.68 -9.85 8.71
N LEU A 26 12.68 -9.58 7.90
CA LEU A 26 12.16 -8.22 7.80
C LEU A 26 10.76 -8.22 8.38
N GLY A 27 9.97 -9.22 8.03
CA GLY A 27 8.61 -9.28 8.53
C GLY A 27 8.16 -10.71 8.79
N ALA A 28 7.25 -10.86 9.75
CA ALA A 28 6.69 -12.17 10.09
C ALA A 28 5.18 -11.98 10.13
N GLY A 29 4.45 -13.09 10.17
CA GLY A 29 3.01 -12.97 10.21
C GLY A 29 2.27 -14.26 9.93
N GLN A 30 0.95 -14.17 10.07
CA GLN A 30 0.05 -15.29 9.87
C GLN A 30 0.44 -16.25 8.76
N PHE A 31 0.76 -15.71 7.59
CA PHE A 31 1.10 -16.55 6.44
C PHE A 31 2.57 -16.77 6.08
N GLY A 32 3.47 -16.27 6.91
CA GLY A 32 4.88 -16.47 6.61
C GLY A 32 5.78 -15.32 7.00
N GLU A 33 6.99 -15.32 6.43
CA GLU A 33 7.94 -14.28 6.74
C GLU A 33 8.56 -13.69 5.49
N VAL A 34 9.10 -12.48 5.65
CA VAL A 34 9.77 -11.77 4.57
C VAL A 34 11.22 -11.58 5.02
N TRP A 35 12.15 -12.09 4.22
CA TRP A 35 13.55 -11.98 4.54
C TRP A 35 14.34 -11.27 3.46
N MET A 36 15.40 -10.58 3.89
CA MET A 36 16.29 -9.88 2.97
C MET A 36 17.42 -10.87 2.71
N GLY A 37 17.77 -11.05 1.44
CA GLY A 37 18.84 -11.98 1.12
C GLY A 37 19.55 -11.71 -0.18
N TYR A 38 20.36 -12.69 -0.60
CA TYR A 38 21.12 -12.55 -1.83
C TYR A 38 20.88 -13.67 -2.81
N TYR A 39 20.84 -13.30 -4.08
CA TYR A 39 20.64 -14.22 -5.17
C TYR A 39 21.97 -14.32 -5.91
N ASN A 40 22.50 -15.54 -6.02
CA ASN A 40 23.78 -15.75 -6.68
C ASN A 40 24.82 -14.81 -6.09
N GLY A 41 24.78 -14.70 -4.77
CA GLY A 41 25.71 -13.85 -4.05
C GLY A 41 25.72 -12.34 -4.24
N HIS A 42 25.54 -11.85 -5.46
CA HIS A 42 25.59 -10.40 -5.69
C HIS A 42 24.28 -9.64 -5.66
N THR A 43 23.17 -10.30 -5.98
CA THR A 43 21.90 -9.59 -6.02
C THR A 43 21.09 -9.57 -4.74
N LYS A 44 20.93 -8.37 -4.19
CA LYS A 44 20.17 -8.16 -2.96
C LYS A 44 18.70 -8.36 -3.29
N VAL A 45 18.04 -9.22 -2.53
CA VAL A 45 16.63 -9.53 -2.75
C VAL A 45 15.80 -9.54 -1.47
N ALA A 46 14.49 -9.56 -1.64
CA ALA A 46 13.53 -9.64 -0.54
C ALA A 46 12.82 -10.95 -0.84
N VAL A 47 12.70 -11.82 0.14
CA VAL A 47 12.08 -13.12 -0.08
C VAL A 47 10.91 -13.41 0.84
N LYS A 48 9.80 -13.82 0.25
CA LYS A 48 8.63 -14.13 1.05
C LYS A 48 8.41 -15.63 1.05
N SER A 49 8.41 -16.21 2.24
CA SER A 49 8.23 -17.64 2.39
C SER A 49 6.89 -18.00 3.00
N LEU A 50 6.22 -18.98 2.40
CA LEU A 50 4.93 -19.45 2.87
C LEU A 50 5.04 -20.40 4.07
N LYS A 51 4.32 -20.08 5.14
CA LYS A 51 4.29 -20.88 6.36
C LYS A 51 3.41 -22.09 6.10
N GLN A 52 4.01 -23.26 6.04
CA GLN A 52 3.28 -24.50 5.79
C GLN A 52 2.01 -24.57 6.61
N GLY A 53 0.89 -24.73 5.91
CA GLY A 53 -0.40 -24.81 6.56
C GLY A 53 -1.15 -23.50 6.57
N SER A 54 -0.46 -22.40 6.82
CA SER A 54 -1.12 -21.09 6.85
C SER A 54 -2.11 -20.95 5.70
N MET A 55 -1.71 -21.36 4.50
CA MET A 55 -2.61 -21.27 3.33
C MET A 55 -2.10 -22.15 2.21
N SER A 56 -3.02 -22.57 1.33
CA SER A 56 -2.68 -23.42 0.21
C SER A 56 -1.43 -22.95 -0.52
N PRO A 57 -0.56 -23.89 -0.91
CA PRO A 57 0.66 -23.47 -1.61
C PRO A 57 0.25 -22.87 -2.96
N ASP A 58 -0.95 -23.26 -3.40
CA ASP A 58 -1.51 -22.79 -4.66
C ASP A 58 -1.99 -21.36 -4.51
N ALA A 59 -2.81 -21.09 -3.50
CA ALA A 59 -3.29 -19.74 -3.30
C ALA A 59 -2.10 -18.81 -3.02
N PHE A 60 -1.02 -19.36 -2.47
CA PHE A 60 0.16 -18.54 -2.21
C PHE A 60 0.75 -18.11 -3.54
N LEU A 61 0.95 -19.07 -4.43
CA LEU A 61 1.51 -18.78 -5.74
C LEU A 61 0.61 -17.90 -6.60
N ALA A 62 -0.64 -17.74 -6.18
CA ALA A 62 -1.59 -16.89 -6.90
C ALA A 62 -1.02 -15.48 -6.96
N GLU A 63 -0.53 -15.01 -5.82
CA GLU A 63 0.06 -13.68 -5.69
C GLU A 63 1.20 -13.49 -6.70
N ALA A 64 1.99 -14.51 -6.91
CA ALA A 64 3.10 -14.43 -7.85
C ALA A 64 2.54 -14.27 -9.26
N ASN A 65 1.60 -15.14 -9.61
CA ASN A 65 0.99 -15.10 -10.94
C ASN A 65 0.41 -13.70 -11.23
N LEU A 66 -0.28 -13.13 -10.23
CA LEU A 66 -0.85 -11.80 -10.41
C LEU A 66 0.26 -10.80 -10.69
N MET A 67 1.34 -10.93 -9.93
CA MET A 67 2.49 -10.05 -10.07
C MET A 67 3.04 -10.04 -11.50
N LYS A 68 3.17 -11.22 -12.10
CA LYS A 68 3.69 -11.30 -13.46
C LYS A 68 2.80 -10.49 -14.41
N GLN A 69 1.50 -10.71 -14.28
CA GLN A 69 0.51 -10.06 -15.11
C GLN A 69 0.38 -8.58 -14.84
N LEU A 70 0.70 -8.17 -13.62
CA LEU A 70 0.58 -6.75 -13.26
C LEU A 70 1.86 -5.93 -13.16
N GLN A 71 2.85 -6.26 -13.99
CA GLN A 71 4.11 -5.51 -13.97
C GLN A 71 3.93 -4.07 -14.39
N HIS A 72 4.58 -3.18 -13.65
CA HIS A 72 4.50 -1.77 -13.94
C HIS A 72 5.59 -1.02 -13.19
N GLN A 73 5.93 0.15 -13.68
CA GLN A 73 6.96 0.97 -13.07
C GLN A 73 6.72 1.23 -11.57
N ARG A 74 5.48 1.49 -11.16
CA ARG A 74 5.20 1.81 -9.77
C ARG A 74 4.66 0.66 -8.93
N LEU A 75 4.92 -0.56 -9.37
CA LEU A 75 4.46 -1.73 -8.65
C LEU A 75 5.62 -2.68 -8.41
N VAL A 76 5.53 -3.43 -7.31
CA VAL A 76 6.56 -4.39 -6.95
C VAL A 76 6.64 -5.46 -8.03
N ARG A 77 7.83 -5.62 -8.59
CA ARG A 77 8.07 -6.55 -9.68
C ARG A 77 8.63 -7.90 -9.25
N LEU A 78 8.01 -8.98 -9.72
CA LEU A 78 8.46 -10.33 -9.40
C LEU A 78 9.86 -10.57 -9.96
N TYR A 79 10.66 -11.31 -9.23
CA TYR A 79 12.03 -11.58 -9.64
C TYR A 79 12.21 -13.05 -9.94
N ALA A 80 11.72 -13.89 -9.02
CA ALA A 80 11.83 -15.33 -9.16
C ALA A 80 10.98 -16.00 -8.10
N VAL A 81 10.84 -17.32 -8.21
CA VAL A 81 10.07 -18.11 -7.26
C VAL A 81 10.73 -19.48 -7.01
N VAL A 82 10.34 -20.10 -5.91
CA VAL A 82 10.81 -21.45 -5.55
C VAL A 82 9.49 -22.16 -5.33
N THR A 83 9.20 -23.17 -6.16
CA THR A 83 7.92 -23.88 -6.09
C THR A 83 7.88 -25.21 -5.36
N GLN A 84 8.72 -25.36 -4.35
CA GLN A 84 8.74 -26.58 -3.56
C GLN A 84 8.71 -26.13 -2.11
N GLU A 85 7.90 -26.79 -1.29
CA GLU A 85 7.82 -26.41 0.10
C GLU A 85 9.21 -26.32 0.71
N PRO A 86 9.54 -25.18 1.34
CA PRO A 86 8.66 -24.01 1.51
C PRO A 86 8.76 -23.07 0.29
N ILE A 87 7.62 -22.75 -0.30
CA ILE A 87 7.58 -21.89 -1.47
C ILE A 87 8.15 -20.50 -1.14
N TYR A 88 8.84 -19.88 -2.10
CA TYR A 88 9.37 -18.52 -1.89
C TYR A 88 8.94 -17.63 -3.04
N ILE A 89 8.72 -16.37 -2.74
CA ILE A 89 8.39 -15.37 -3.75
C ILE A 89 9.52 -14.37 -3.63
N ILE A 90 10.27 -14.16 -4.69
CA ILE A 90 11.40 -13.25 -4.61
C ILE A 90 11.26 -11.99 -5.45
N THR A 91 11.60 -10.88 -4.82
CA THR A 91 11.56 -9.58 -5.47
C THR A 91 12.87 -8.89 -5.13
N GLU A 92 13.17 -7.83 -5.85
CA GLU A 92 14.37 -7.06 -5.58
C GLU A 92 14.17 -6.19 -4.32
N TYR A 93 15.24 -6.08 -3.55
CA TYR A 93 15.26 -5.34 -2.30
C TYR A 93 15.18 -3.83 -2.45
N MET A 94 14.19 -3.22 -1.80
CA MET A 94 14.00 -1.77 -1.83
C MET A 94 14.73 -1.28 -0.57
N GLU A 95 15.84 -0.57 -0.77
CA GLU A 95 16.70 -0.12 0.33
C GLU A 95 16.09 0.76 1.43
N ASN A 96 15.16 1.65 1.10
CA ASN A 96 14.62 2.49 2.15
C ASN A 96 13.35 1.99 2.84
N GLY A 97 13.07 0.69 2.71
CA GLY A 97 11.90 0.11 3.34
C GLY A 97 10.56 0.74 2.98
N SER A 98 9.62 0.73 3.92
CA SER A 98 8.29 1.28 3.70
C SER A 98 8.22 2.79 3.87
N LEU A 99 7.40 3.42 3.03
CA LEU A 99 7.21 4.86 3.03
C LEU A 99 6.97 5.43 4.44
N VAL A 100 6.04 4.84 5.17
CA VAL A 100 5.73 5.32 6.51
C VAL A 100 6.93 5.33 7.45
N ASP A 101 7.86 4.40 7.25
CA ASP A 101 9.04 4.36 8.10
C ASP A 101 10.08 5.33 7.59
N PHE A 102 10.20 5.40 6.27
CA PHE A 102 11.17 6.29 5.65
C PHE A 102 10.96 7.75 6.03
N LEU A 103 9.72 8.19 6.04
CA LEU A 103 9.40 9.58 6.36
C LEU A 103 9.75 10.04 7.77
N LYS A 104 10.13 9.10 8.63
CA LYS A 104 10.48 9.46 10.00
C LYS A 104 11.98 9.50 10.21
N THR A 105 12.73 8.97 9.24
CA THR A 105 14.18 8.97 9.31
C THR A 105 14.65 10.35 8.83
N PRO A 106 15.83 10.79 9.31
CA PRO A 106 16.44 12.10 8.96
C PRO A 106 16.32 12.51 7.50
N SER A 107 16.47 11.56 6.58
CA SER A 107 16.36 11.88 5.17
C SER A 107 14.91 12.23 4.87
N GLY A 108 14.01 11.34 5.32
CA GLY A 108 12.58 11.52 5.08
C GLY A 108 12.00 12.78 5.70
N ILE A 109 12.54 13.15 6.86
CA ILE A 109 12.09 14.32 7.61
C ILE A 109 12.35 15.64 6.89
N LYS A 110 13.51 15.77 6.24
CA LYS A 110 13.86 17.01 5.55
C LYS A 110 13.23 17.22 4.18
N LEU A 111 12.57 16.20 3.64
CA LEU A 111 11.94 16.30 2.32
C LEU A 111 10.93 17.44 2.19
N THR A 112 11.13 18.25 1.15
CA THR A 112 10.25 19.38 0.86
C THR A 112 8.94 18.87 0.25
N ILE A 113 7.88 19.65 0.41
CA ILE A 113 6.56 19.29 -0.12
C ILE A 113 6.63 18.93 -1.61
N ASN A 114 7.53 19.55 -2.34
CA ASN A 114 7.69 19.24 -3.76
C ASN A 114 8.07 17.77 -3.93
N LYS A 115 9.15 17.36 -3.30
CA LYS A 115 9.56 15.95 -3.41
C LYS A 115 8.46 15.04 -2.88
N LEU A 116 7.73 15.51 -1.87
CA LEU A 116 6.64 14.72 -1.29
C LEU A 116 5.51 14.53 -2.29
N LEU A 117 5.11 15.62 -2.95
CA LEU A 117 4.03 15.56 -3.94
C LEU A 117 4.41 14.65 -5.10
N ASP A 118 5.67 14.71 -5.50
CA ASP A 118 6.15 13.87 -6.59
C ASP A 118 5.91 12.40 -6.22
N MET A 119 6.29 12.03 -5.00
CA MET A 119 6.10 10.66 -4.56
C MET A 119 4.60 10.32 -4.57
N ALA A 120 3.78 11.23 -4.08
CA ALA A 120 2.34 11.02 -4.03
C ALA A 120 1.82 10.75 -5.45
N ALA A 121 2.39 11.45 -6.43
CA ALA A 121 2.00 11.28 -7.83
C ALA A 121 2.39 9.90 -8.37
N GLN A 122 3.52 9.38 -7.91
CA GLN A 122 3.99 8.08 -8.34
C GLN A 122 3.02 6.99 -7.86
N ILE A 123 2.53 7.15 -6.65
CA ILE A 123 1.60 6.18 -6.10
C ILE A 123 0.29 6.27 -6.86
N ALA A 124 -0.11 7.48 -7.17
CA ALA A 124 -1.35 7.71 -7.91
C ALA A 124 -1.23 7.07 -9.29
N GLU A 125 -0.03 7.11 -9.86
CA GLU A 125 0.21 6.51 -11.17
C GLU A 125 0.06 5.00 -11.06
N GLY A 126 0.57 4.43 -9.98
CA GLY A 126 0.46 3.01 -9.78
C GLY A 126 -1.00 2.61 -9.61
N MET A 127 -1.74 3.41 -8.85
CA MET A 127 -3.15 3.12 -8.61
C MET A 127 -3.99 3.28 -9.88
N ALA A 128 -3.59 4.20 -10.76
CA ALA A 128 -4.30 4.40 -12.01
C ALA A 128 -4.19 3.12 -12.85
N PHE A 129 -2.99 2.54 -12.90
CA PHE A 129 -2.80 1.30 -13.65
C PHE A 129 -3.63 0.18 -13.05
N ILE A 130 -3.66 0.08 -11.72
CA ILE A 130 -4.42 -0.94 -11.02
C ILE A 130 -5.92 -0.77 -11.34
N GLU A 131 -6.38 0.47 -11.33
CA GLU A 131 -7.77 0.78 -11.65
C GLU A 131 -7.99 0.36 -13.09
N GLU A 132 -7.03 0.70 -13.94
CA GLU A 132 -7.06 0.39 -15.36
C GLU A 132 -7.25 -1.12 -15.59
N ARG A 133 -6.50 -1.95 -14.87
CA ARG A 133 -6.57 -3.39 -15.03
C ARG A 133 -7.72 -4.09 -14.30
N ASN A 134 -8.66 -3.31 -13.80
CA ASN A 134 -9.81 -3.88 -13.10
C ASN A 134 -9.48 -4.59 -11.79
N TYR A 135 -8.55 -4.03 -11.02
CA TYR A 135 -8.19 -4.61 -9.73
C TYR A 135 -8.43 -3.60 -8.62
N ILE A 136 -8.38 -4.08 -7.38
CA ILE A 136 -8.59 -3.25 -6.20
C ILE A 136 -7.50 -3.57 -5.19
N HIS A 137 -7.07 -2.57 -4.42
CA HIS A 137 -6.02 -2.84 -3.45
C HIS A 137 -6.59 -3.42 -2.16
N ARG A 138 -7.49 -2.67 -1.52
CA ARG A 138 -8.14 -3.06 -0.28
C ARG A 138 -7.35 -2.72 0.99
N ASP A 139 -6.07 -2.40 0.87
CA ASP A 139 -5.29 -2.04 2.06
C ASP A 139 -4.23 -1.02 1.68
N LEU A 140 -4.68 0.02 0.98
CA LEU A 140 -3.79 1.05 0.53
C LEU A 140 -3.43 2.00 1.67
N ARG A 141 -2.15 2.02 2.03
CA ARG A 141 -1.65 2.91 3.05
C ARG A 141 -0.13 2.98 2.96
N ALA A 142 0.45 4.00 3.58
CA ALA A 142 1.89 4.20 3.55
C ALA A 142 2.71 2.98 3.98
N ALA A 143 2.14 2.11 4.81
CA ALA A 143 2.86 0.92 5.27
C ALA A 143 3.07 -0.07 4.13
N ASN A 144 2.22 0.01 3.11
CA ASN A 144 2.32 -0.90 1.98
C ASN A 144 2.95 -0.25 0.74
N ILE A 145 3.65 0.87 0.95
CA ILE A 145 4.32 1.56 -0.14
C ILE A 145 5.82 1.38 0.14
N LEU A 146 6.56 0.89 -0.84
CA LEU A 146 8.00 0.69 -0.68
C LEU A 146 8.80 1.80 -1.36
N VAL A 147 9.91 2.20 -0.75
CA VAL A 147 10.75 3.25 -1.30
C VAL A 147 12.15 2.73 -1.65
N SER A 148 12.64 3.10 -2.83
CA SER A 148 13.96 2.67 -3.26
C SER A 148 14.98 3.73 -2.90
N ASP A 149 16.26 3.40 -3.13
CA ASP A 149 17.38 4.28 -2.85
C ASP A 149 17.28 5.64 -3.56
N THR A 150 16.64 5.70 -4.73
CA THR A 150 16.50 6.97 -5.43
C THR A 150 15.15 7.59 -5.16
N LEU A 151 14.53 7.14 -4.08
CA LEU A 151 13.23 7.65 -3.66
C LEU A 151 12.06 7.46 -4.61
N SER A 152 12.12 6.45 -5.46
CA SER A 152 10.99 6.18 -6.35
C SER A 152 10.14 5.20 -5.55
N CYS A 153 8.82 5.27 -5.72
CA CYS A 153 7.92 4.40 -4.98
C CYS A 153 7.27 3.28 -5.78
N LYS A 154 6.87 2.24 -5.05
CA LYS A 154 6.18 1.12 -5.64
C LYS A 154 5.10 0.65 -4.68
N ILE A 155 3.95 0.29 -5.23
CA ILE A 155 2.83 -0.20 -4.46
C ILE A 155 3.02 -1.68 -4.21
N ALA A 156 2.74 -2.10 -2.98
CA ALA A 156 2.91 -3.49 -2.60
C ALA A 156 1.70 -4.07 -1.90
N ASP A 157 1.78 -5.37 -1.65
CA ASP A 157 0.77 -6.17 -0.93
C ASP A 157 -0.71 -5.81 -0.98
N PHE A 158 -1.43 -6.32 -1.98
CA PHE A 158 -2.86 -6.07 -2.06
C PHE A 158 -3.47 -6.75 -0.84
N GLY A 159 -4.58 -6.22 -0.33
CA GLY A 159 -5.19 -6.85 0.81
C GLY A 159 -6.05 -8.05 0.40
N LEU A 160 -5.87 -9.18 1.07
CA LEU A 160 -6.63 -10.39 0.73
C LEU A 160 -8.13 -10.25 1.01
N ALA A 161 -8.95 -10.45 -0.03
CA ALA A 161 -10.39 -10.36 0.14
C ALA A 161 -10.85 -11.34 1.20
N ARG A 162 -10.16 -12.46 1.27
CA ARG A 162 -10.47 -13.54 2.23
C ARG A 162 -10.51 -13.04 3.67
N LEU A 163 -9.59 -12.14 4.02
CA LEU A 163 -9.55 -11.65 5.39
C LEU A 163 -10.12 -10.25 5.61
N ILE A 164 -10.39 -9.52 4.53
CA ILE A 164 -10.89 -8.16 4.68
C ILE A 164 -12.38 -7.96 4.34
N GLU A 165 -12.92 -8.78 3.45
CA GLU A 165 -14.31 -8.63 3.07
C GLU A 165 -15.28 -9.49 3.86
N ASP A 166 -16.55 -9.41 3.48
CA ASP A 166 -17.60 -10.18 4.14
C ASP A 166 -17.73 -11.55 3.53
N ASN A 167 -17.67 -12.57 4.37
CA ASN A 167 -17.79 -13.93 3.91
C ASN A 167 -17.75 -14.88 5.10
N GLU A 168 -17.50 -16.15 4.81
CA GLU A 168 -17.33 -17.14 5.87
C GLU A 168 -15.82 -17.03 6.10
N TYR A 169 -15.47 -16.70 7.34
CA TYR A 169 -14.11 -16.51 7.81
C TYR A 169 -14.30 -15.23 8.59
N THR A 170 -14.19 -14.09 7.91
CA THR A 170 -14.36 -12.82 8.59
C THR A 170 -15.62 -12.85 9.48
N ALA A 171 -16.59 -13.67 9.09
CA ALA A 171 -17.85 -13.80 9.84
C ALA A 171 -17.61 -14.32 11.27
N GLY A 174 -13.73 -13.28 13.52
CA GLY A 174 -14.53 -12.21 12.95
C GLY A 174 -13.57 -11.18 12.40
N ALA A 175 -12.86 -11.57 11.35
CA ALA A 175 -11.85 -10.72 10.74
C ALA A 175 -12.17 -9.27 10.35
N LYS A 176 -11.21 -8.38 10.59
CA LYS A 176 -11.35 -6.96 10.28
C LYS A 176 -10.18 -6.31 9.49
N PHE A 177 -10.29 -4.98 9.34
CA PHE A 177 -9.36 -4.14 8.55
C PHE A 177 -8.87 -2.87 9.25
N PRO A 178 -8.01 -2.09 8.55
CA PRO A 178 -7.42 -0.84 9.06
C PRO A 178 -8.41 0.32 9.09
N ILE A 179 -9.22 0.36 10.14
CA ILE A 179 -10.24 1.38 10.27
C ILE A 179 -9.95 2.78 9.75
N LYS A 180 -8.95 3.45 10.30
CA LYS A 180 -8.63 4.81 9.88
C LYS A 180 -8.38 5.07 8.40
N TRP A 181 -8.21 4.02 7.60
CA TRP A 181 -7.96 4.19 6.16
C TRP A 181 -9.14 3.72 5.33
N THR A 182 -10.02 2.95 5.94
CA THR A 182 -11.16 2.39 5.22
C THR A 182 -12.37 3.32 5.05
N ALA A 183 -12.93 3.30 3.84
CA ALA A 183 -14.10 4.11 3.50
C ALA A 183 -15.33 3.69 4.31
N PRO A 184 -16.27 4.64 4.52
CA PRO A 184 -17.50 4.40 5.27
C PRO A 184 -18.32 3.23 4.76
N GLU A 185 -18.46 3.14 3.44
CA GLU A 185 -19.25 2.06 2.85
C GLU A 185 -18.61 0.69 3.10
N ALA A 186 -17.28 0.64 3.10
CA ALA A 186 -16.57 -0.61 3.33
C ALA A 186 -16.67 -1.03 4.78
N ILE A 187 -16.61 -0.05 5.69
CA ILE A 187 -16.72 -0.35 7.10
C ILE A 187 -18.12 -0.90 7.41
N ASN A 188 -19.13 -0.17 6.94
CA ASN A 188 -20.53 -0.55 7.17
C ASN A 188 -20.98 -1.81 6.44
N TYR A 189 -20.93 -1.76 5.11
CA TYR A 189 -21.42 -2.87 4.31
C TYR A 189 -20.37 -3.75 3.65
N GLY A 190 -19.11 -3.58 4.02
CA GLY A 190 -18.06 -4.41 3.44
C GLY A 190 -18.00 -4.34 1.91
N THR A 191 -18.34 -3.18 1.35
CA THR A 191 -18.28 -3.05 -0.10
C THR A 191 -17.00 -2.32 -0.50
N PHE A 192 -16.02 -3.07 -0.98
CA PHE A 192 -14.75 -2.49 -1.41
C PHE A 192 -14.69 -2.40 -2.93
N THR A 193 -14.42 -1.22 -3.42
CA THR A 193 -14.32 -1.00 -4.84
C THR A 193 -13.10 -0.11 -5.03
N ILE A 194 -12.87 0.31 -6.27
CA ILE A 194 -11.75 1.18 -6.53
C ILE A 194 -12.01 2.52 -5.82
N LYS A 195 -13.28 2.87 -5.64
CA LYS A 195 -13.63 4.11 -4.96
C LYS A 195 -13.21 4.12 -3.51
N SER A 196 -13.27 2.97 -2.85
CA SER A 196 -12.82 2.92 -1.45
C SER A 196 -11.29 2.96 -1.46
N ASP A 197 -10.65 2.54 -2.55
CA ASP A 197 -9.19 2.64 -2.57
C ASP A 197 -8.87 4.16 -2.68
N VAL A 198 -9.72 4.90 -3.39
CA VAL A 198 -9.54 6.34 -3.54
C VAL A 198 -9.61 7.04 -2.18
N TRP A 199 -10.64 6.73 -1.39
CA TRP A 199 -10.79 7.33 -0.08
C TRP A 199 -9.49 7.11 0.66
N SER A 200 -9.09 5.85 0.69
CA SER A 200 -7.86 5.43 1.32
C SER A 200 -6.67 6.28 0.86
N PHE A 201 -6.61 6.58 -0.43
CA PHE A 201 -5.52 7.39 -0.95
C PHE A 201 -5.52 8.76 -0.28
N GLY A 202 -6.71 9.28 -0.01
CA GLY A 202 -6.82 10.58 0.64
C GLY A 202 -6.12 10.55 1.99
N ILE A 203 -6.36 9.47 2.74
CA ILE A 203 -5.74 9.28 4.05
C ILE A 203 -4.23 9.09 3.89
N LEU A 204 -3.82 8.36 2.86
CA LEU A 204 -2.40 8.13 2.62
C LEU A 204 -1.77 9.48 2.34
N LEU A 205 -2.55 10.37 1.74
CA LEU A 205 -2.06 11.70 1.42
C LEU A 205 -1.65 12.45 2.69
N THR A 206 -2.45 12.33 3.74
CA THR A 206 -2.14 13.01 5.00
C THR A 206 -0.88 12.46 5.65
N GLU A 207 -0.69 11.14 5.53
CA GLU A 207 0.49 10.50 6.08
C GLU A 207 1.76 11.09 5.48
N ILE A 208 1.73 11.27 4.16
CA ILE A 208 2.88 11.81 3.45
C ILE A 208 3.22 13.24 3.86
N VAL A 209 2.22 14.12 3.81
CA VAL A 209 2.43 15.52 4.15
C VAL A 209 2.86 15.74 5.60
N THR A 210 2.41 14.87 6.50
CA THR A 210 2.78 14.99 7.91
C THR A 210 4.03 14.18 8.24
N HIS A 211 4.65 13.62 7.21
CA HIS A 211 5.86 12.82 7.41
C HIS A 211 5.67 11.57 8.29
N GLY A 212 4.54 10.88 8.09
CA GLY A 212 4.29 9.65 8.82
C GLY A 212 3.36 9.67 10.02
N ARG A 213 2.78 10.83 10.32
CA ARG A 213 1.88 10.91 11.46
C ARG A 213 0.64 10.05 11.23
N ILE A 214 0.18 9.40 12.30
CA ILE A 214 -1.01 8.59 12.20
C ILE A 214 -2.21 9.51 11.95
N PRO A 215 -3.15 9.07 11.08
CA PRO A 215 -4.34 9.85 10.74
C PRO A 215 -5.31 9.97 11.90
N TYR A 216 -6.08 11.06 11.92
CA TYR A 216 -7.05 11.33 12.97
C TYR A 216 -6.36 11.38 14.33
N PRO A 217 -5.35 12.25 14.47
CA PRO A 217 -4.62 12.38 15.73
C PRO A 217 -5.60 12.67 16.87
N GLY A 218 -5.50 11.91 17.95
CA GLY A 218 -6.39 12.14 19.08
C GLY A 218 -7.63 11.28 19.11
N MET A 219 -7.73 10.33 18.17
CA MET A 219 -8.90 9.48 18.14
C MET A 219 -8.60 7.98 18.10
N THR A 220 -9.50 7.21 18.70
CA THR A 220 -9.37 5.76 18.68
C THR A 220 -10.21 5.34 17.48
N ASN A 221 -10.14 4.07 17.12
CA ASN A 221 -10.89 3.59 15.98
C ASN A 221 -12.39 3.71 16.17
N PRO A 222 -12.91 3.31 17.34
CA PRO A 222 -14.36 3.44 17.50
C PRO A 222 -14.79 4.92 17.50
N GLU A 223 -13.88 5.80 17.89
CA GLU A 223 -14.16 7.23 17.89
C GLU A 223 -14.28 7.69 16.45
N VAL A 224 -13.37 7.21 15.62
CA VAL A 224 -13.40 7.59 14.22
C VAL A 224 -14.76 7.23 13.61
N ILE A 225 -15.14 5.99 13.84
CA ILE A 225 -16.38 5.46 13.30
C ILE A 225 -17.59 6.31 13.66
N GLN A 226 -17.71 6.68 14.93
CA GLN A 226 -18.82 7.51 15.37
C GLN A 226 -18.85 8.82 14.58
N ASN A 227 -17.76 9.58 14.68
CA ASN A 227 -17.63 10.88 14.00
C ASN A 227 -17.85 10.81 12.49
N LEU A 228 -17.39 9.74 11.84
CA LEU A 228 -17.56 9.62 10.40
C LEU A 228 -19.01 9.70 9.99
N GLU A 229 -19.88 9.19 10.84
CA GLU A 229 -21.31 9.19 10.60
C GLU A 229 -21.86 10.62 10.58
N ARG A 230 -21.30 11.47 11.43
CA ARG A 230 -21.74 12.85 11.49
C ARG A 230 -21.15 13.65 10.33
N GLY A 231 -20.37 12.98 9.49
CA GLY A 231 -19.78 13.67 8.36
C GLY A 231 -18.44 14.28 8.71
N TYR A 232 -17.82 13.80 9.79
CA TYR A 232 -16.52 14.31 10.19
C TYR A 232 -15.42 13.92 9.19
N ARG A 233 -14.49 14.85 9.00
CA ARG A 233 -13.36 14.69 8.12
C ARG A 233 -12.14 15.26 8.82
N MET A 234 -10.99 14.68 8.52
CA MET A 234 -9.75 15.10 9.13
C MET A 234 -9.49 16.58 8.85
N VAL A 235 -8.92 17.26 9.83
CA VAL A 235 -8.57 18.66 9.68
C VAL A 235 -7.30 18.75 8.84
N ARG A 236 -7.19 19.81 8.05
CA ARG A 236 -6.01 20.01 7.23
C ARG A 236 -4.80 20.12 8.14
N PRO A 237 -3.77 19.30 7.87
CA PRO A 237 -2.52 19.25 8.62
C PRO A 237 -1.77 20.58 8.53
N ASP A 238 -1.08 20.96 9.60
CA ASP A 238 -0.29 22.18 9.57
C ASP A 238 0.75 21.97 8.48
N ASN A 239 0.97 22.98 7.64
CA ASN A 239 1.94 22.84 6.57
C ASN A 239 1.43 22.07 5.34
N CYS A 240 0.13 21.78 5.29
CA CYS A 240 -0.45 21.11 4.12
C CYS A 240 -1.10 22.18 3.27
N PRO A 241 -0.65 22.33 2.01
CA PRO A 241 -1.26 23.36 1.15
C PRO A 241 -2.78 23.22 1.13
N GLU A 242 -3.51 24.33 1.23
CA GLU A 242 -4.97 24.27 1.23
C GLU A 242 -5.47 23.69 -0.08
N GLU A 243 -4.72 23.91 -1.16
CA GLU A 243 -5.11 23.38 -2.45
C GLU A 243 -5.05 21.86 -2.40
N LEU A 244 -3.94 21.34 -1.86
CA LEU A 244 -3.77 19.90 -1.76
C LEU A 244 -4.90 19.38 -0.88
N TYR A 245 -5.17 20.12 0.20
CA TYR A 245 -6.22 19.73 1.13
C TYR A 245 -7.57 19.50 0.48
N GLN A 246 -8.00 20.36 -0.43
CA GLN A 246 -9.29 20.18 -1.08
C GLN A 246 -9.28 18.96 -2.00
N LEU A 247 -8.09 18.54 -2.43
CA LEU A 247 -8.01 17.36 -3.27
C LEU A 247 -8.31 16.16 -2.38
N MET A 248 -7.91 16.25 -1.12
CA MET A 248 -8.13 15.19 -0.15
C MET A 248 -9.62 15.11 0.11
N ARG A 249 -10.24 16.27 0.28
CA ARG A 249 -11.65 16.31 0.54
C ARG A 249 -12.42 15.63 -0.61
N LEU A 250 -11.93 15.75 -1.84
CA LEU A 250 -12.61 15.09 -2.96
C LEU A 250 -12.53 13.57 -2.75
N CYS A 251 -11.39 13.13 -2.21
CA CYS A 251 -11.19 11.70 -1.94
C CYS A 251 -12.14 11.19 -0.87
N TRP A 252 -12.56 12.07 0.03
CA TRP A 252 -13.42 11.66 1.10
C TRP A 252 -14.90 12.00 0.92
N LYS A 253 -15.33 12.26 -0.31
CA LYS A 253 -16.73 12.55 -0.57
C LYS A 253 -17.56 11.39 -0.08
N GLU A 254 -18.70 11.70 0.52
CA GLU A 254 -19.62 10.70 1.05
C GLU A 254 -20.00 9.64 0.03
N ARG A 255 -20.36 10.09 -1.16
CA ARG A 255 -20.78 9.17 -2.20
C ARG A 255 -19.57 8.69 -3.00
N PRO A 256 -19.35 7.37 -3.01
CA PRO A 256 -18.22 6.75 -3.72
C PRO A 256 -18.14 7.22 -5.16
N GLU A 257 -19.27 7.16 -5.87
CA GLU A 257 -19.26 7.55 -7.27
C GLU A 257 -18.93 9.02 -7.47
N ASP A 258 -18.88 9.79 -6.38
CA ASP A 258 -18.53 11.20 -6.48
C ASP A 258 -17.01 11.40 -6.36
N ARG A 259 -16.31 10.42 -5.79
CA ARG A 259 -14.87 10.53 -5.66
C ARG A 259 -14.18 10.48 -7.02
N PRO A 260 -13.09 11.24 -7.19
CA PRO A 260 -12.33 11.30 -8.44
C PRO A 260 -11.58 10.00 -8.74
N THR A 261 -11.10 9.88 -9.97
CA THR A 261 -10.36 8.70 -10.39
C THR A 261 -8.90 8.96 -10.07
N PHE A 262 -8.11 7.89 -10.07
CA PHE A 262 -6.70 8.02 -9.81
C PHE A 262 -6.03 8.79 -10.94
N ASP A 263 -6.56 8.62 -12.14
CA ASP A 263 -6.01 9.29 -13.31
C ASP A 263 -6.04 10.82 -13.12
N TYR A 264 -7.16 11.31 -12.60
CA TYR A 264 -7.34 12.74 -12.35
C TYR A 264 -6.43 13.15 -11.21
N LEU A 265 -6.42 12.34 -10.16
CA LEU A 265 -5.58 12.60 -8.99
C LEU A 265 -4.13 12.65 -9.45
N ARG A 266 -3.74 11.65 -10.21
CA ARG A 266 -2.39 11.55 -10.77
C ARG A 266 -2.16 12.81 -11.60
N SER A 267 -3.16 13.16 -12.40
CA SER A 267 -3.08 14.35 -13.25
C SER A 267 -2.88 15.63 -12.43
N VAL A 268 -3.67 15.79 -11.39
CA VAL A 268 -3.57 16.98 -10.55
C VAL A 268 -2.32 17.02 -9.67
N LEU A 269 -1.87 15.87 -9.19
CA LEU A 269 -0.67 15.87 -8.36
C LEU A 269 0.52 16.31 -9.18
N GLU A 270 0.68 15.75 -10.38
CA GLU A 270 1.79 16.10 -11.26
C GLU A 270 1.89 17.59 -11.54
N ASP A 271 0.78 18.33 -11.38
CA ASP A 271 0.85 19.76 -11.63
C ASP A 271 1.22 20.58 -10.42
N PHE A 272 0.79 20.16 -9.23
CA PHE A 272 1.18 20.91 -8.03
C PHE A 272 2.71 20.92 -8.01
N PHE A 273 3.24 19.74 -8.34
CA PHE A 273 4.67 19.45 -8.39
C PHE A 273 5.46 20.30 -9.41
N THR A 274 4.90 20.56 -10.58
CA THR A 274 5.62 21.38 -11.55
C THR A 274 5.39 22.86 -11.20
N ALA A 275 4.65 23.09 -10.12
CA ALA A 275 4.35 24.43 -9.64
C ALA A 275 5.18 24.69 -8.38
#